data_3LX5
#
_entry.id   3LX5
#
_cell.length_a   49.1
_cell.length_b   82.2
_cell.length_c   148.8
_cell.angle_alpha   90.000
_cell.angle_beta   90.000
_cell.angle_gamma   90.000
#
_symmetry.space_group_name_H-M   'C 2 2 21'
#
loop_
_entity.id
_entity.type
_entity.pdbx_description
1 polymer 'Ferrous iron uptake transporter protein B'
2 non-polymer 2-amino-9-(5-O-[(R)-hydroxy{[(R)-hydroxy(phosphonoamino)phosphoryl]oxy}phosphoryl]-3-O-{[2-(methylamino)phenyl]carbonyl}-beta-D-erythro-pentofuranosyl-2-ulose)-1,9-dihydro-6H-purin-6-one
3 non-polymer 'MAGNESIUM ION'
4 non-polymer GLYCEROL
5 water water
#
_entity_poly.entity_id   1
_entity_poly.type   'polypeptide(L)'
_entity_poly.pdbx_seq_one_letter_code
;GSMTEIALIGNPNSGKTSLFNLITGHNQRVGNWPGVTVERKSGLVKKNKDLEIQDLPGIYSMSPYSPEEKVARDYLLSQR
ADSILNVVDATNLERNLYLTTQLIETGIPVTIALNMIDVLDGQGKKINVDKLSYHLGVPVVATSALKQTGVDQVVKKAAH
TTTSTVGDLAFPIYDDRLEAAISQILEVLGNSVPQRSARFYAIKLFEQDSLVEAELDLSQFQRKEIEDIIRITEEIFTED
AESIVINERYAFIERVCQMAESHTEDFALTLS
;
_entity_poly.pdbx_strand_id   A
#
loop_
_chem_comp.id
_chem_comp.type
_chem_comp.name
_chem_comp.formula
AGO non-polymer 2-amino-9-(5-O-[(R)-hydroxy{[(R)-hydroxy(phosphonoamino)phosphoryl]oxy}phosphoryl]-3-O-{[2-(methylamino)phenyl]carbonyl}-beta-D-erythro-pentofuranosyl-2-ulose)-1,9-dihydro-6H-purin-6-one 'C18 H22 N7 O14 P3'
GOL non-polymer GLYCEROL 'C3 H8 O3'
MG non-polymer 'MAGNESIUM ION' 'Mg 2'
#
# COMPACT_ATOMS: atom_id res chain seq x y z
N THR A 4 13.77 -3.13 14.55
CA THR A 4 13.10 -2.79 13.26
C THR A 4 11.65 -3.29 13.32
N GLU A 5 10.70 -2.39 13.08
CA GLU A 5 9.28 -2.72 13.09
C GLU A 5 8.73 -2.89 11.69
N ILE A 6 8.24 -4.10 11.43
CA ILE A 6 7.69 -4.52 10.12
C ILE A 6 6.18 -4.80 10.24
N ALA A 7 5.37 -4.14 9.40
CA ALA A 7 3.91 -4.24 9.51
C ALA A 7 3.33 -5.07 8.37
N LEU A 8 2.57 -6.11 8.73
CA LEU A 8 1.80 -6.90 7.74
C LEU A 8 0.52 -6.14 7.37
N ILE A 9 0.52 -5.63 6.13
CA ILE A 9 -0.57 -4.83 5.61
C ILE A 9 -1.11 -5.40 4.31
N GLY A 10 -2.43 -5.49 4.19
CA GLY A 10 -2.97 -6.14 3.00
C GLY A 10 -4.45 -6.36 3.14
N ASN A 11 -5.10 -6.73 2.05
CA ASN A 11 -6.55 -6.98 2.12
C ASN A 11 -6.86 -8.10 3.11
N PRO A 12 -8.06 -8.09 3.72
CA PRO A 12 -8.42 -9.25 4.52
C PRO A 12 -8.42 -10.53 3.66
N ASN A 13 -8.13 -11.66 4.31
CA ASN A 13 -8.20 -13.00 3.73
C ASN A 13 -7.08 -13.14 2.67
N SER A 14 -5.92 -12.53 2.91
CA SER A 14 -4.78 -12.61 1.98
C SER A 14 -3.62 -13.49 2.49
N GLY A 15 -3.75 -13.92 3.75
CA GLY A 15 -2.78 -14.77 4.44
C GLY A 15 -1.84 -14.03 5.38
N LYS A 16 -2.19 -12.82 5.85
CA LYS A 16 -1.34 -12.10 6.80
C LYS A 16 -1.01 -12.87 8.08
N THR A 17 -2.03 -13.31 8.80
CA THR A 17 -1.80 -14.06 10.03
C THR A 17 -1.10 -15.39 9.76
N SER A 18 -1.46 -16.03 8.65
CA SER A 18 -0.80 -17.30 8.31
C SER A 18 0.71 -17.07 8.21
N LEU A 19 1.12 -16.01 7.51
CA LEU A 19 2.55 -15.69 7.44
C LEU A 19 3.12 -15.28 8.79
N PHE A 20 2.39 -14.42 9.52
CA PHE A 20 2.78 -14.04 10.88
C PHE A 20 3.12 -15.26 11.73
N ASN A 21 2.26 -16.30 11.68
CA ASN A 21 2.44 -17.47 12.54
C ASN A 21 3.69 -18.24 12.16
N LEU A 22 3.92 -18.34 10.84
CA LEU A 22 5.14 -18.99 10.36
C LEU A 22 6.39 -18.23 10.75
N ILE A 23 6.30 -16.91 10.73
CA ILE A 23 7.45 -16.03 10.94
C ILE A 23 7.86 -15.99 12.42
N THR A 24 6.84 -16.05 13.30
CA THR A 24 7.03 -15.79 14.71
C THR A 24 6.90 -17.06 15.55
N GLY A 25 6.34 -18.12 15.00
CA GLY A 25 6.04 -19.35 15.80
C GLY A 25 4.77 -19.23 16.62
N HIS A 26 4.04 -18.11 16.48
CA HIS A 26 2.74 -17.96 17.17
C HIS A 26 1.67 -18.82 16.53
N ASN A 27 0.50 -18.89 17.17
CA ASN A 27 -0.63 -19.60 16.61
C ASN A 27 -1.85 -18.69 16.66
N GLN A 28 -1.74 -17.49 16.09
CA GLN A 28 -2.86 -16.56 16.04
C GLN A 28 -3.99 -17.07 15.14
N ARG A 29 -5.16 -16.46 15.29
CA ARG A 29 -6.36 -16.90 14.57
C ARG A 29 -6.25 -16.71 13.06
N VAL A 30 -6.44 -17.82 12.35
CA VAL A 30 -6.44 -17.87 10.87
C VAL A 30 -7.78 -18.51 10.44
N GLY A 31 -8.45 -17.93 9.45
CA GLY A 31 -9.74 -18.48 9.00
C GLY A 31 -9.98 -18.16 7.54
N ASN A 32 -10.87 -18.89 6.91
CA ASN A 32 -11.14 -18.78 5.47
C ASN A 32 -12.16 -17.71 5.10
N TRP A 33 -12.22 -16.61 5.85
CA TRP A 33 -13.15 -15.52 5.55
C TRP A 33 -12.50 -14.19 5.90
N PRO A 34 -12.94 -13.10 5.24
CA PRO A 34 -12.31 -11.80 5.51
C PRO A 34 -12.82 -11.24 6.84
N GLY A 35 -11.89 -10.75 7.67
CA GLY A 35 -12.23 -10.09 8.93
C GLY A 35 -11.93 -10.93 10.15
N VAL A 36 -10.90 -11.76 10.07
CA VAL A 36 -10.55 -12.65 11.19
C VAL A 36 -9.81 -11.86 12.27
N THR A 37 -8.70 -11.20 11.91
CA THR A 37 -7.89 -10.47 12.86
C THR A 37 -8.57 -9.13 13.11
N VAL A 38 -8.68 -8.74 14.39
CA VAL A 38 -9.42 -7.52 14.76
C VAL A 38 -8.60 -6.49 15.56
N GLU A 39 -7.39 -6.87 15.96
CA GLU A 39 -6.49 -5.96 16.66
C GLU A 39 -5.04 -6.30 16.31
N ARG A 40 -4.11 -5.41 16.67
CA ARG A 40 -2.68 -5.62 16.41
C ARG A 40 -2.13 -6.74 17.28
N LYS A 41 -1.29 -7.60 16.70
CA LYS A 41 -0.50 -8.55 17.48
C LYS A 41 0.96 -8.39 17.08
N SER A 42 1.86 -8.19 18.06
CA SER A 42 3.29 -8.14 17.80
C SER A 42 3.94 -9.50 18.01
N GLY A 43 5.08 -9.71 17.36
CA GLY A 43 5.84 -10.91 17.62
C GLY A 43 7.24 -10.70 17.09
N LEU A 44 8.23 -11.28 17.76
CA LEU A 44 9.60 -11.24 17.22
C LEU A 44 9.75 -12.23 16.07
N VAL A 45 10.51 -11.83 15.05
CA VAL A 45 10.87 -12.77 13.95
C VAL A 45 11.84 -13.80 14.51
N LYS A 46 11.48 -15.09 14.43
CA LYS A 46 12.31 -16.14 15.01
C LYS A 46 13.73 -16.17 14.48
N LYS A 47 13.88 -16.04 13.17
CA LYS A 47 15.19 -16.17 12.52
C LYS A 47 16.02 -14.89 12.59
N ASN A 48 15.42 -13.82 13.10
CA ASN A 48 16.13 -12.58 13.35
C ASN A 48 15.45 -11.81 14.46
N LYS A 49 15.92 -12.01 15.68
CA LYS A 49 15.28 -11.43 16.86
C LYS A 49 15.28 -9.90 16.93
N ASP A 50 16.12 -9.24 16.12
CA ASP A 50 16.13 -7.77 16.02
C ASP A 50 14.90 -7.20 15.30
N LEU A 51 14.05 -8.05 14.73
CA LEU A 51 12.88 -7.60 13.99
C LEU A 51 11.59 -7.92 14.79
N GLU A 52 10.73 -6.93 14.95
CA GLU A 52 9.39 -7.14 15.54
C GLU A 52 8.34 -6.95 14.47
N ILE A 53 7.62 -8.02 14.16
CA ILE A 53 6.65 -7.98 13.08
C ILE A 53 5.27 -7.74 13.70
N GLN A 54 4.39 -7.05 12.96
CA GLN A 54 3.06 -6.71 13.48
C GLN A 54 1.99 -7.28 12.57
N ASP A 55 1.12 -8.11 13.13
CA ASP A 55 -0.09 -8.58 12.44
C ASP A 55 -1.21 -7.55 12.69
N LEU A 56 -1.90 -7.15 11.61
CA LEU A 56 -2.96 -6.15 11.67
C LEU A 56 -4.21 -6.64 10.96
N PRO A 57 -5.40 -6.14 11.34
CA PRO A 57 -6.60 -6.48 10.56
C PRO A 57 -6.43 -6.09 9.09
N GLY A 58 -7.01 -6.88 8.17
CA GLY A 58 -6.98 -6.51 6.74
C GLY A 58 -7.67 -5.20 6.42
N ILE A 59 -7.30 -4.64 5.28
N ILE A 59 -7.23 -4.55 5.34
CA ILE A 59 -7.76 -3.33 4.85
CA ILE A 59 -7.82 -3.31 4.84
C ILE A 59 -7.85 -3.32 3.30
C ILE A 59 -7.87 -3.35 3.32
N TYR A 60 -8.93 -2.81 2.74
CA TYR A 60 -9.06 -2.79 1.29
C TYR A 60 -8.50 -1.53 0.61
N SER A 61 -8.43 -0.45 1.39
CA SER A 61 -7.86 0.81 0.93
C SER A 61 -7.62 1.68 2.15
N MET A 62 -7.00 2.83 1.93
CA MET A 62 -6.72 3.75 3.02
C MET A 62 -7.89 4.66 3.34
N SER A 63 -9.05 4.39 2.74
CA SER A 63 -10.28 5.13 3.08
C SER A 63 -11.34 4.10 3.35
N PRO A 64 -11.17 3.34 4.44
CA PRO A 64 -11.83 2.07 4.74
C PRO A 64 -13.16 2.19 5.49
N TYR A 65 -13.90 1.09 5.55
CA TYR A 65 -15.31 1.12 5.95
C TYR A 65 -15.70 0.30 7.17
N SER A 66 -14.72 -0.08 7.98
CA SER A 66 -15.01 -0.80 9.22
C SER A 66 -14.03 -0.38 10.31
N PRO A 67 -14.42 -0.54 11.59
CA PRO A 67 -13.52 -0.27 12.71
C PRO A 67 -12.24 -1.12 12.66
N GLU A 68 -12.34 -2.35 12.14
CA GLU A 68 -11.20 -3.25 12.10
C GLU A 68 -10.21 -2.69 11.09
N GLU A 69 -10.72 -2.29 9.92
CA GLU A 69 -9.88 -1.62 8.92
C GLU A 69 -9.23 -0.34 9.49
N LYS A 70 -9.97 0.40 10.33
CA LYS A 70 -9.42 1.63 10.92
C LYS A 70 -8.20 1.36 11.81
N VAL A 71 -8.17 0.21 12.50
CA VAL A 71 -6.99 -0.16 13.31
C VAL A 71 -5.72 -0.17 12.45
N ALA A 72 -5.80 -0.80 11.27
CA ALA A 72 -4.63 -0.90 10.40
C ALA A 72 -4.26 0.49 9.82
N ARG A 73 -5.26 1.27 9.42
CA ARG A 73 -5.01 2.63 8.91
C ARG A 73 -4.36 3.51 10.00
N ASP A 74 -4.94 3.55 11.20
CA ASP A 74 -4.39 4.37 12.31
C ASP A 74 -2.96 3.93 12.65
N TYR A 75 -2.73 2.62 12.63
CA TYR A 75 -1.40 2.08 12.89
C TYR A 75 -0.40 2.61 11.86
N LEU A 76 -0.78 2.54 10.60
CA LEU A 76 0.10 3.02 9.53
C LEU A 76 0.41 4.50 9.63
N LEU A 77 -0.61 5.33 9.88
CA LEU A 77 -0.42 6.78 9.90
C LEU A 77 0.13 7.28 11.24
N SER A 78 0.35 6.36 12.17
CA SER A 78 1.01 6.73 13.43
C SER A 78 2.54 6.87 13.28
N GLN A 79 3.05 6.49 12.11
CA GLN A 79 4.47 6.55 11.78
C GLN A 79 5.41 5.61 12.57
N ARG A 80 4.85 4.56 13.19
CA ARG A 80 5.62 3.56 13.93
C ARG A 80 6.37 2.56 13.05
N ALA A 81 5.80 2.21 11.91
CA ALA A 81 6.37 1.16 11.09
C ALA A 81 7.66 1.62 10.38
N ASP A 82 8.65 0.73 10.31
CA ASP A 82 9.86 1.01 9.55
C ASP A 82 9.78 0.38 8.17
N SER A 83 9.00 -0.69 8.07
CA SER A 83 8.77 -1.41 6.84
C SER A 83 7.33 -1.82 6.75
N ILE A 84 6.74 -1.65 5.58
CA ILE A 84 5.49 -2.29 5.23
C ILE A 84 5.77 -3.56 4.42
N LEU A 85 5.35 -4.70 4.97
CA LEU A 85 5.33 -6.00 4.30
C LEU A 85 3.88 -6.17 3.83
N ASN A 86 3.68 -5.80 2.57
CA ASN A 86 2.37 -5.75 1.96
C ASN A 86 2.05 -7.13 1.42
N VAL A 87 1.10 -7.81 2.06
CA VAL A 87 0.74 -9.17 1.66
C VAL A 87 -0.34 -9.05 0.59
N VAL A 88 -0.05 -9.59 -0.59
CA VAL A 88 -0.90 -9.44 -1.78
C VAL A 88 -1.36 -10.82 -2.24
N ASP A 89 -2.67 -10.96 -2.45
CA ASP A 89 -3.24 -12.20 -2.97
C ASP A 89 -2.94 -12.25 -4.45
N ALA A 90 -2.02 -13.14 -4.83
CA ALA A 90 -1.59 -13.31 -6.22
C ALA A 90 -2.72 -13.68 -7.17
N THR A 91 -3.79 -14.27 -6.66
CA THR A 91 -4.91 -14.70 -7.50
C THR A 91 -5.95 -13.61 -7.74
N ASN A 92 -5.79 -12.47 -7.05
CA ASN A 92 -6.64 -11.28 -7.21
C ASN A 92 -5.82 -10.00 -7.32
N LEU A 93 -4.82 -10.08 -8.19
CA LEU A 93 -3.75 -9.09 -8.17
C LEU A 93 -4.22 -7.63 -8.36
N GLU A 94 -5.00 -7.39 -9.41
CA GLU A 94 -5.47 -6.03 -9.70
C GLU A 94 -6.22 -5.38 -8.53
N ARG A 95 -7.12 -6.13 -7.89
CA ARG A 95 -7.92 -5.68 -6.77
C ARG A 95 -7.02 -5.37 -5.57
N ASN A 96 -6.02 -6.23 -5.34
CA ASN A 96 -5.08 -6.07 -4.21
C ASN A 96 -4.14 -4.85 -4.36
N LEU A 97 -3.78 -4.51 -5.60
CA LEU A 97 -2.84 -3.45 -5.88
C LEU A 97 -3.39 -2.04 -5.65
N TYR A 98 -4.72 -1.90 -5.60
CA TYR A 98 -5.30 -0.61 -5.20
C TYR A 98 -4.67 -0.13 -3.89
N LEU A 99 -4.81 -0.92 -2.84
CA LEU A 99 -4.19 -0.56 -1.55
C LEU A 99 -2.68 -0.37 -1.69
N THR A 100 -2.01 -1.30 -2.35
CA THR A 100 -0.57 -1.22 -2.53
C THR A 100 -0.09 0.16 -2.99
N THR A 101 -0.77 0.77 -3.97
CA THR A 101 -0.32 2.05 -4.51
C THR A 101 -0.46 3.13 -3.42
N GLN A 102 -1.50 3.04 -2.58
CA GLN A 102 -1.67 4.00 -1.47
C GLN A 102 -0.59 3.78 -0.39
N LEU A 103 -0.27 2.53 -0.13
CA LEU A 103 0.80 2.19 0.83
C LEU A 103 2.16 2.79 0.43
N ILE A 104 2.51 2.66 -0.84
CA ILE A 104 3.74 3.23 -1.35
C ILE A 104 3.78 4.75 -1.08
N GLU A 105 2.65 5.43 -1.29
CA GLU A 105 2.50 6.86 -1.06
C GLU A 105 2.76 7.32 0.39
N THR A 106 2.66 6.41 1.37
CA THR A 106 2.94 6.80 2.76
C THR A 106 4.42 7.02 2.99
N GLY A 107 5.26 6.59 2.04
CA GLY A 107 6.72 6.75 2.16
C GLY A 107 7.36 5.77 3.12
N ILE A 108 6.56 4.91 3.76
CA ILE A 108 7.13 3.77 4.52
C ILE A 108 7.46 2.70 3.48
N PRO A 109 8.76 2.34 3.34
CA PRO A 109 9.14 1.43 2.25
C PRO A 109 8.32 0.16 2.24
N VAL A 110 7.83 -0.21 1.06
CA VAL A 110 7.00 -1.40 0.83
C VAL A 110 7.79 -2.55 0.23
N THR A 111 7.57 -3.75 0.74
CA THR A 111 8.03 -5.02 0.17
C THR A 111 6.80 -5.89 0.01
N ILE A 112 6.58 -6.44 -1.19
CA ILE A 112 5.40 -7.28 -1.40
C ILE A 112 5.68 -8.77 -1.17
N ALA A 113 4.87 -9.36 -0.29
CA ALA A 113 4.73 -10.84 -0.23
C ALA A 113 3.61 -11.16 -1.22
N LEU A 114 4.00 -11.75 -2.36
CA LEU A 114 3.04 -12.06 -3.40
C LEU A 114 2.54 -13.46 -3.05
N ASN A 115 1.56 -13.48 -2.15
CA ASN A 115 1.12 -14.68 -1.46
C ASN A 115 0.06 -15.51 -2.22
N MET A 116 -0.24 -16.70 -1.69
CA MET A 116 -1.15 -17.66 -2.35
C MET A 116 -0.62 -18.00 -3.72
N ILE A 117 0.70 -17.98 -3.87
CA ILE A 117 1.29 -18.31 -5.15
C ILE A 117 0.96 -19.75 -5.55
N ASP A 118 0.72 -20.64 -4.57
CA ASP A 118 0.42 -22.04 -4.88
C ASP A 118 -0.95 -22.18 -5.53
N VAL A 119 -1.86 -21.26 -5.21
CA VAL A 119 -3.22 -21.27 -5.76
C VAL A 119 -3.16 -20.84 -7.20
N LEU A 120 -2.40 -19.78 -7.44
CA LEU A 120 -2.14 -19.30 -8.79
C LEU A 120 -1.47 -20.41 -9.61
N ASP A 121 -0.48 -21.09 -9.05
CA ASP A 121 0.11 -22.28 -9.70
C ASP A 121 -0.93 -23.33 -10.13
N GLY A 122 -1.87 -23.64 -9.23
CA GLY A 122 -2.90 -24.65 -9.50
C GLY A 122 -3.92 -24.20 -10.53
N GLN A 123 -4.11 -22.89 -10.62
CA GLN A 123 -4.90 -22.25 -11.67
C GLN A 123 -4.21 -22.28 -13.03
N GLY A 124 -3.00 -22.84 -13.06
CA GLY A 124 -2.18 -22.86 -14.27
C GLY A 124 -1.79 -21.48 -14.77
N LYS A 125 -1.66 -20.52 -13.84
CA LYS A 125 -1.32 -19.14 -14.17
C LYS A 125 0.05 -18.74 -13.61
N LYS A 126 0.60 -17.65 -14.13
CA LYS A 126 1.95 -17.18 -13.78
C LYS A 126 1.99 -15.65 -13.70
N ILE A 127 2.81 -15.14 -12.79
CA ILE A 127 3.06 -13.71 -12.66
C ILE A 127 4.58 -13.52 -12.84
N ASN A 128 4.96 -12.62 -13.75
CA ASN A 128 6.35 -12.24 -13.88
C ASN A 128 6.75 -11.35 -12.70
N VAL A 129 7.32 -11.99 -11.68
CA VAL A 129 7.72 -11.32 -10.45
C VAL A 129 8.67 -10.14 -10.68
N ASP A 130 9.67 -10.33 -11.52
CA ASP A 130 10.65 -9.26 -11.78
C ASP A 130 10.08 -8.05 -12.49
N LYS A 131 9.22 -8.27 -13.51
CA LYS A 131 8.53 -7.16 -14.19
C LYS A 131 7.58 -6.43 -13.23
N LEU A 132 6.85 -7.20 -12.43
CA LEU A 132 5.91 -6.64 -11.48
C LEU A 132 6.64 -5.72 -10.48
N SER A 133 7.74 -6.22 -9.93
CA SER A 133 8.62 -5.44 -9.06
C SER A 133 9.18 -4.22 -9.78
N TYR A 134 9.62 -4.39 -11.03
CA TYR A 134 10.19 -3.25 -11.74
C TYR A 134 9.19 -2.10 -11.94
N HIS A 135 7.97 -2.43 -12.33
CA HIS A 135 6.98 -1.42 -12.66
C HIS A 135 6.31 -0.83 -11.44
N LEU A 136 6.26 -1.60 -10.34
CA LEU A 136 5.73 -1.12 -9.08
C LEU A 136 6.78 -0.34 -8.31
N GLY A 137 8.06 -0.59 -8.63
CA GLY A 137 9.17 0.04 -7.95
C GLY A 137 9.35 -0.43 -6.51
N VAL A 138 8.95 -1.66 -6.23
CA VAL A 138 9.13 -2.25 -4.90
C VAL A 138 9.65 -3.69 -5.06
N PRO A 139 10.41 -4.19 -4.06
CA PRO A 139 10.72 -5.63 -4.07
C PRO A 139 9.45 -6.49 -3.95
N VAL A 140 9.46 -7.64 -4.64
CA VAL A 140 8.36 -8.62 -4.64
C VAL A 140 8.95 -10.02 -4.49
N VAL A 141 8.40 -10.78 -3.56
CA VAL A 141 8.78 -12.16 -3.33
C VAL A 141 7.51 -12.99 -3.38
N ALA A 142 7.51 -14.01 -4.24
CA ALA A 142 6.44 -15.00 -4.27
C ALA A 142 6.45 -15.84 -3.00
N THR A 143 5.32 -15.91 -2.34
CA THR A 143 5.22 -16.68 -1.10
C THR A 143 4.01 -17.60 -1.11
N SER A 144 4.13 -18.68 -0.35
CA SER A 144 2.98 -19.47 0.01
C SER A 144 3.08 -19.80 1.49
N ALA A 145 2.13 -19.30 2.27
CA ALA A 145 2.00 -19.74 3.67
C ALA A 145 1.54 -21.19 3.76
N LEU A 146 0.91 -21.72 2.71
CA LEU A 146 0.48 -23.10 2.75
C LEU A 146 1.66 -24.04 2.54
N LYS A 147 2.35 -23.90 1.40
CA LYS A 147 3.53 -24.71 1.08
C LYS A 147 4.77 -24.27 1.86
N GLN A 148 4.67 -23.13 2.57
CA GLN A 148 5.78 -22.60 3.37
C GLN A 148 7.00 -22.32 2.49
N THR A 149 6.79 -21.49 1.46
CA THR A 149 7.84 -21.10 0.51
C THR A 149 7.94 -19.57 0.42
N GLY A 150 9.16 -19.08 0.23
CA GLY A 150 9.45 -17.66 0.08
C GLY A 150 9.31 -16.84 1.36
N VAL A 151 8.90 -17.47 2.46
CA VAL A 151 8.57 -16.71 3.66
C VAL A 151 9.77 -16.04 4.35
N ASP A 152 10.82 -16.81 4.61
CA ASP A 152 12.03 -16.24 5.21
C ASP A 152 12.67 -15.19 4.29
N GLN A 153 12.61 -15.45 2.98
N GLN A 153 12.61 -15.43 2.98
CA GLN A 153 13.15 -14.56 1.96
CA GLN A 153 13.17 -14.52 1.99
C GLN A 153 12.47 -13.17 1.97
C GLN A 153 12.47 -13.16 1.95
N VAL A 154 11.14 -13.15 2.03
CA VAL A 154 10.40 -11.88 2.00
C VAL A 154 10.64 -11.06 3.29
N VAL A 155 10.77 -11.74 4.42
CA VAL A 155 11.09 -11.05 5.68
C VAL A 155 12.49 -10.45 5.61
N LYS A 156 13.46 -11.22 5.11
CA LYS A 156 14.83 -10.74 4.95
C LYS A 156 14.87 -9.47 4.08
N LYS A 157 14.10 -9.53 3.00
CA LYS A 157 13.98 -8.40 2.09
C LYS A 157 13.35 -7.17 2.75
N ALA A 158 12.21 -7.34 3.44
CA ALA A 158 11.53 -6.24 4.14
C ALA A 158 12.48 -5.55 5.12
N ALA A 159 13.18 -6.38 5.93
CA ALA A 159 14.21 -5.93 6.84
C ALA A 159 15.27 -5.05 6.15
N HIS A 160 15.67 -5.42 4.93
CA HIS A 160 16.72 -4.72 4.18
C HIS A 160 16.23 -3.39 3.60
N THR A 161 14.91 -3.18 3.53
CA THR A 161 14.41 -1.87 3.06
C THR A 161 14.42 -0.72 4.11
N THR A 162 14.59 -1.07 5.37
CA THR A 162 14.57 -0.12 6.48
C THR A 162 15.89 0.58 6.69
N THR A 163 16.93 0.07 6.01
CA THR A 163 18.30 0.56 6.18
C THR A 163 18.57 1.86 5.40
N LEU A 169 12.73 7.47 -2.61
CA LEU A 169 11.49 6.68 -2.72
C LEU A 169 10.72 6.91 -4.04
N ALA A 170 10.58 5.83 -4.81
CA ALA A 170 9.83 5.82 -6.06
C ALA A 170 8.35 5.58 -5.74
N PHE A 171 7.49 6.45 -6.25
N PHE A 171 7.50 6.47 -6.24
CA PHE A 171 6.05 6.31 -6.08
CA PHE A 171 6.05 6.36 -6.10
C PHE A 171 5.43 6.10 -7.46
C PHE A 171 5.47 6.02 -7.46
N PRO A 172 4.20 5.53 -7.51
CA PRO A 172 3.47 5.46 -8.77
C PRO A 172 3.28 6.86 -9.37
N ILE A 173 3.79 7.04 -10.59
CA ILE A 173 3.71 8.34 -11.29
C ILE A 173 2.46 8.36 -12.16
N TYR A 174 1.61 9.35 -11.91
CA TYR A 174 0.36 9.45 -12.65
C TYR A 174 0.50 10.48 -13.76
N ASP A 175 -0.62 10.78 -14.41
CA ASP A 175 -0.73 11.79 -15.47
C ASP A 175 -0.05 13.08 -15.01
N ASP A 176 0.80 13.64 -15.88
N ASP A 176 0.80 13.67 -15.84
CA ASP A 176 1.55 14.88 -15.62
CA ASP A 176 1.60 14.83 -15.39
C ASP A 176 0.72 15.93 -14.90
C ASP A 176 0.76 16.05 -14.98
N ARG A 177 -0.50 16.10 -15.40
CA ARG A 177 -1.41 17.20 -14.97
C ARG A 177 -1.86 16.98 -13.54
N LEU A 178 -2.00 15.71 -13.15
CA LEU A 178 -2.30 15.36 -11.77
C LEU A 178 -1.03 15.57 -10.91
N GLU A 179 0.11 15.11 -11.42
CA GLU A 179 1.38 15.36 -10.72
C GLU A 179 1.62 16.86 -10.43
N ALA A 180 1.27 17.74 -11.37
CA ALA A 180 1.41 19.19 -11.18
C ALA A 180 0.56 19.65 -9.97
N ALA A 181 -0.67 19.17 -9.89
CA ALA A 181 -1.56 19.50 -8.76
C ALA A 181 -1.04 18.94 -7.42
N ILE A 182 -0.58 17.69 -7.42
CA ILE A 182 0.01 17.07 -6.20
C ILE A 182 1.21 17.89 -5.70
N SER A 183 2.09 18.28 -6.63
N SER A 183 2.07 18.28 -6.65
CA SER A 183 3.21 19.17 -6.27
CA SER A 183 3.20 19.18 -6.41
C SER A 183 2.76 20.52 -5.69
C SER A 183 2.77 20.50 -5.74
N GLN A 184 1.72 21.13 -6.28
CA GLN A 184 1.16 22.39 -5.73
C GLN A 184 0.56 22.22 -4.32
N ILE A 185 -0.13 21.11 -4.10
CA ILE A 185 -0.69 20.83 -2.77
C ILE A 185 0.43 20.56 -1.77
N LEU A 186 1.45 19.81 -2.18
CA LEU A 186 2.62 19.59 -1.30
C LEU A 186 3.25 20.92 -0.80
N GLU A 187 3.38 21.89 -1.71
CA GLU A 187 3.89 23.22 -1.36
C GLU A 187 3.00 23.90 -0.30
N VAL A 188 1.71 23.84 -0.53
CA VAL A 188 0.75 24.46 0.40
C VAL A 188 0.88 23.82 1.79
N LEU A 189 0.98 22.50 1.82
CA LEU A 189 1.05 21.73 3.07
C LEU A 189 2.29 22.07 3.91
N GLY A 190 3.45 22.22 3.27
CA GLY A 190 4.70 22.47 3.99
C GLY A 190 4.84 21.41 5.05
N ASN A 191 5.19 21.83 6.28
CA ASN A 191 5.38 20.90 7.39
C ASN A 191 4.11 20.53 8.17
N SER A 192 2.94 20.89 7.62
CA SER A 192 1.68 20.58 8.28
C SER A 192 1.33 19.07 8.21
N VAL A 193 2.05 18.29 7.40
CA VAL A 193 1.93 16.82 7.42
C VAL A 193 3.32 16.21 7.66
N PRO A 194 3.37 14.96 8.16
CA PRO A 194 4.67 14.29 8.28
C PRO A 194 5.35 14.22 6.91
N GLN A 195 6.63 14.56 6.87
CA GLN A 195 7.30 14.69 5.56
C GLN A 195 7.27 13.37 4.78
N ARG A 196 7.55 12.25 5.45
CA ARG A 196 7.61 10.95 4.77
C ARG A 196 6.31 10.57 4.03
N SER A 197 5.17 10.94 4.61
N SER A 197 5.18 10.93 4.62
CA SER A 197 3.86 10.60 4.06
CA SER A 197 3.87 10.59 4.07
C SER A 197 3.20 11.71 3.26
C SER A 197 3.16 11.76 3.43
N ALA A 198 3.90 12.82 3.09
CA ALA A 198 3.30 14.00 2.45
C ALA A 198 2.49 13.71 1.18
N ARG A 199 3.02 12.90 0.28
CA ARG A 199 2.34 12.60 -0.96
C ARG A 199 1.00 11.89 -0.72
N PHE A 200 0.99 10.94 0.22
CA PHE A 200 -0.26 10.26 0.57
C PHE A 200 -1.34 11.31 0.94
N TYR A 201 -0.96 12.25 1.82
CA TYR A 201 -1.89 13.26 2.30
C TYR A 201 -2.30 14.24 1.17
N ALA A 202 -1.34 14.64 0.34
CA ALA A 202 -1.64 15.56 -0.74
C ALA A 202 -2.66 14.97 -1.71
N ILE A 203 -2.48 13.69 -2.07
CA ILE A 203 -3.45 13.00 -2.91
C ILE A 203 -4.82 12.85 -2.25
N LYS A 204 -4.86 12.46 -0.98
CA LYS A 204 -6.12 12.36 -0.25
C LYS A 204 -6.86 13.71 -0.18
N LEU A 205 -6.11 14.78 0.00
CA LEU A 205 -6.73 16.12 0.02
C LEU A 205 -7.24 16.49 -1.36
N PHE A 206 -6.49 16.13 -2.39
CA PHE A 206 -6.98 16.37 -3.75
C PHE A 206 -8.34 15.68 -3.97
N GLU A 207 -8.46 14.46 -3.46
CA GLU A 207 -9.66 13.63 -3.55
C GLU A 207 -10.77 14.13 -2.63
N GLN A 208 -10.47 15.14 -1.81
CA GLN A 208 -11.38 15.64 -0.78
C GLN A 208 -11.86 14.55 0.18
N ASP A 209 -10.92 13.74 0.63
CA ASP A 209 -11.19 12.65 1.54
C ASP A 209 -11.65 13.18 2.90
N SER A 210 -12.83 12.75 3.35
CA SER A 210 -13.40 13.29 4.59
C SER A 210 -12.50 13.02 5.78
N LEU A 211 -12.01 11.79 5.91
CA LEU A 211 -11.12 11.43 7.02
C LEU A 211 -9.89 12.34 7.13
N VAL A 212 -9.16 12.49 6.03
CA VAL A 212 -7.92 13.28 6.02
C VAL A 212 -8.21 14.76 6.31
N GLU A 213 -9.28 15.28 5.72
CA GLU A 213 -9.73 16.65 5.93
C GLU A 213 -10.04 16.90 7.42
N ALA A 214 -10.69 15.95 8.10
CA ALA A 214 -10.92 16.06 9.54
C ALA A 214 -9.64 15.87 10.37
N GLU A 215 -8.75 14.97 9.94
CA GLU A 215 -7.50 14.70 10.67
C GLU A 215 -6.46 15.81 10.70
N LEU A 216 -6.27 16.49 9.56
CA LEU A 216 -5.25 17.50 9.43
C LEU A 216 -5.81 18.84 9.88
N ASP A 217 -5.02 19.61 10.60
CA ASP A 217 -5.66 20.80 11.14
C ASP A 217 -5.22 21.99 10.30
N LEU A 218 -5.64 22.03 9.04
CA LEU A 218 -5.06 23.00 8.08
C LEU A 218 -5.66 24.38 8.31
N SER A 219 -4.91 25.43 7.97
CA SER A 219 -5.43 26.81 8.17
C SER A 219 -6.47 27.05 7.08
N GLN A 220 -7.34 28.04 7.31
CA GLN A 220 -8.29 28.52 6.28
C GLN A 220 -7.55 28.88 5.01
N PHE A 221 -6.34 29.40 5.17
CA PHE A 221 -5.55 29.88 4.05
C PHE A 221 -5.06 28.70 3.21
N GLN A 222 -4.49 27.69 3.87
CA GLN A 222 -4.12 26.44 3.18
C GLN A 222 -5.32 25.79 2.47
N ARG A 223 -6.45 25.70 3.18
N ARG A 223 -6.45 25.70 3.18
CA ARG A 223 -7.66 25.09 2.64
CA ARG A 223 -7.66 25.08 2.63
C ARG A 223 -8.19 25.80 1.39
C ARG A 223 -8.21 25.80 1.40
N LYS A 224 -8.15 27.14 1.39
CA LYS A 224 -8.58 27.93 0.23
C LYS A 224 -7.64 27.70 -0.96
N GLU A 225 -6.34 27.68 -0.71
CA GLU A 225 -5.38 27.39 -1.81
C GLU A 225 -5.58 26.02 -2.42
N ILE A 226 -5.73 25.00 -1.58
CA ILE A 226 -6.03 23.64 -2.04
C ILE A 226 -7.34 23.57 -2.84
N GLU A 227 -8.37 24.21 -2.33
CA GLU A 227 -9.63 24.29 -3.06
C GLU A 227 -9.41 24.87 -4.45
N ASP A 228 -8.63 25.96 -4.55
CA ASP A 228 -8.40 26.61 -5.86
C ASP A 228 -7.62 25.67 -6.77
N ILE A 229 -6.63 24.98 -6.23
CA ILE A 229 -5.82 24.01 -7.02
C ILE A 229 -6.68 22.89 -7.57
N ILE A 230 -7.56 22.35 -6.72
CA ILE A 230 -8.47 21.29 -7.12
C ILE A 230 -9.37 21.79 -8.28
N ARG A 231 -9.97 22.97 -8.11
CA ARG A 231 -10.88 23.56 -9.12
C ARG A 231 -10.18 23.76 -10.45
N ILE A 232 -8.95 24.31 -10.40
CA ILE A 232 -8.15 24.52 -11.60
C ILE A 232 -7.86 23.18 -12.32
N THR A 233 -7.53 22.16 -11.56
CA THR A 233 -7.13 20.86 -12.12
C THR A 233 -8.34 20.11 -12.72
N GLU A 234 -9.50 20.25 -12.09
CA GLU A 234 -10.72 19.64 -12.58
C GLU A 234 -11.08 20.22 -13.95
N GLU A 235 -10.91 21.53 -14.07
CA GLU A 235 -11.15 22.18 -15.36
C GLU A 235 -10.14 21.70 -16.42
N ILE A 236 -8.88 21.49 -16.03
CA ILE A 236 -7.84 20.94 -16.93
C ILE A 236 -8.18 19.51 -17.38
N PHE A 237 -8.58 18.67 -16.43
CA PHE A 237 -8.90 17.26 -16.69
C PHE A 237 -10.29 17.07 -17.30
N THR A 238 -11.15 18.09 -17.24
CA THR A 238 -12.59 17.96 -17.55
C THR A 238 -13.18 16.75 -16.82
N GLU A 239 -12.89 16.64 -15.54
CA GLU A 239 -13.31 15.50 -14.72
C GLU A 239 -13.27 15.95 -13.25
N ASP A 240 -14.12 15.36 -12.41
N ASP A 240 -14.13 15.37 -12.41
CA ASP A 240 -14.15 15.67 -10.98
CA ASP A 240 -14.17 15.68 -10.97
C ASP A 240 -12.95 15.07 -10.26
C ASP A 240 -12.96 15.08 -10.27
N ALA A 241 -12.48 15.76 -9.22
CA ALA A 241 -11.25 15.34 -8.49
C ALA A 241 -11.18 13.87 -8.05
N GLU A 242 -12.29 13.38 -7.49
CA GLU A 242 -12.38 11.99 -7.00
C GLU A 242 -12.12 11.02 -8.14
N SER A 243 -12.78 11.25 -9.27
CA SER A 243 -12.65 10.39 -10.42
C SER A 243 -11.25 10.46 -10.99
N ILE A 244 -10.64 11.64 -10.98
CA ILE A 244 -9.30 11.79 -11.55
C ILE A 244 -8.35 10.80 -10.91
N VAL A 245 -8.34 10.78 -9.57
CA VAL A 245 -7.37 9.96 -8.83
C VAL A 245 -7.68 8.46 -8.94
N ILE A 246 -8.92 8.07 -8.70
CA ILE A 246 -9.36 6.67 -8.87
C ILE A 246 -8.98 6.16 -10.27
N ASN A 247 -9.26 6.95 -11.31
CA ASN A 247 -8.94 6.52 -12.67
C ASN A 247 -7.44 6.42 -12.95
N GLU A 248 -6.67 7.35 -12.39
CA GLU A 248 -5.21 7.31 -12.50
C GLU A 248 -4.68 6.08 -11.81
N ARG A 249 -5.22 5.79 -10.63
CA ARG A 249 -4.82 4.60 -9.88
C ARG A 249 -5.14 3.36 -10.67
N TYR A 250 -6.37 3.28 -11.17
CA TYR A 250 -6.75 2.14 -11.98
C TYR A 250 -5.89 1.96 -13.22
N ALA A 251 -5.61 3.05 -13.93
CA ALA A 251 -4.84 2.94 -15.17
C ALA A 251 -3.41 2.47 -14.89
N PHE A 252 -2.82 3.01 -13.81
CA PHE A 252 -1.49 2.58 -13.38
C PHE A 252 -1.45 1.06 -13.11
N ILE A 253 -2.40 0.60 -12.30
CA ILE A 253 -2.52 -0.81 -11.90
C ILE A 253 -2.74 -1.68 -13.13
N GLU A 254 -3.58 -1.19 -14.05
CA GLU A 254 -3.84 -1.95 -15.27
C GLU A 254 -2.56 -2.17 -16.07
N ARG A 255 -1.76 -1.11 -16.23
CA ARG A 255 -0.50 -1.18 -16.95
C ARG A 255 0.41 -2.17 -16.25
N VAL A 256 0.50 -2.02 -14.92
CA VAL A 256 1.29 -2.95 -14.10
C VAL A 256 0.88 -4.42 -14.26
N CYS A 257 -0.42 -4.69 -14.19
CA CYS A 257 -0.90 -6.09 -14.33
C CYS A 257 -0.58 -6.66 -15.70
N GLN A 258 -0.64 -5.80 -16.72
CA GLN A 258 -0.37 -6.28 -18.08
C GLN A 258 1.11 -6.65 -18.19
N MET A 259 1.95 -5.87 -17.51
CA MET A 259 3.38 -6.19 -17.41
C MET A 259 3.61 -7.49 -16.64
N ALA A 260 2.88 -7.63 -15.54
CA ALA A 260 2.91 -8.81 -14.65
C ALA A 260 2.47 -10.10 -15.35
N GLU A 261 1.55 -9.97 -16.30
CA GLU A 261 1.10 -11.10 -17.12
C GLU A 261 1.95 -11.31 -18.37
N SER A 262 2.92 -10.42 -18.61
CA SER A 262 3.82 -10.53 -19.75
C SER A 262 5.08 -11.33 -19.38
N HIS A 263 5.31 -12.42 -20.10
CA HIS A 263 6.43 -13.31 -19.80
C HIS A 263 7.51 -13.29 -20.88
N THR A 264 7.37 -12.33 -21.80
CA THR A 264 8.35 -12.04 -22.85
C THR A 264 9.63 -11.42 -22.28
N GLU A 265 10.77 -11.81 -22.84
CA GLU A 265 12.08 -11.24 -22.49
C GLU A 265 12.20 -9.78 -22.96
N ASP A 266 12.66 -8.89 -22.07
CA ASP A 266 12.93 -7.50 -22.45
C ASP A 266 14.38 -7.35 -22.92
N PHE A 267 14.54 -7.02 -24.20
CA PHE A 267 15.87 -6.90 -24.84
C PHE A 267 16.35 -5.45 -24.91
CM' AGO B . -6.16 -24.19 2.08
N2' AGO B . -6.35 -22.83 2.62
C2' AGO B . -7.15 -21.91 2.05
C3' AGO B . -7.13 -21.76 0.65
C4' AGO B . -7.95 -20.81 0.02
C5' AGO B . -8.80 -20.01 0.80
C6' AGO B . -8.82 -20.16 2.19
C1' AGO B . -8.00 -21.11 2.84
C' AGO B . -8.05 -21.23 4.41
O1' AGO B . -8.48 -22.69 4.95
O3' AGO B . -7.82 -20.12 5.22
C3B AGO B . -6.83 -19.07 5.52
C2B AGO B . -5.63 -19.81 4.99
O2' AGO B . -5.23 -20.91 5.39
C4B AGO B . -7.08 -17.92 4.55
C5B AGO B . -6.82 -16.53 5.16
O5' AGO B . -5.60 -16.58 5.97
PA AGO B . -5.41 -15.53 7.12
O1A AGO B . -4.00 -15.72 7.46
O2A AGO B . -6.47 -15.61 8.14
O3A AGO B . -5.69 -14.10 6.29
PB AGO B . -5.59 -12.58 6.87
O1B AGO B . -4.95 -11.82 5.77
O2B AGO B . -4.88 -12.60 8.18
N3B AGO B . -7.15 -12.17 6.99
PG AGO B . -7.54 -10.96 8.03
O2G AGO B . -6.89 -9.62 7.35
O3G AGO B . -9.14 -10.88 7.99
O1G AGO B . -7.13 -11.30 9.44
O4' AGO B . -6.13 -18.01 3.47
C1B AGO B . -5.34 -19.25 3.60
N9 AGO B . -3.99 -18.94 3.16
C8 AGO B . -3.16 -18.00 3.64
N7 AGO B . -2.04 -18.04 2.91
C5 AGO B . -2.16 -18.98 1.96
C4 AGO B . -3.41 -19.55 2.12
N3 AGO B . -3.83 -20.53 1.29
C2 AGO B . -3.05 -20.99 0.31
N2 AGO B . -3.51 -21.98 -0.46
N1 AGO B . -1.76 -20.47 0.09
C6 AGO B . -1.33 -19.44 0.93
O6 AGO B . -0.22 -18.97 0.75
MG MG C . -5.34 -12.02 10.01
C1 GOL D . 18.83 -8.71 -0.14
O1 GOL D . 17.83 -7.81 0.28
C2 GOL D . 18.36 -10.12 0.15
O2 GOL D . 17.24 -10.49 -0.68
C3 GOL D . 17.92 -10.02 1.61
O3 GOL D . 18.54 -11.09 2.27
#